data_6BLM
#
_entry.id   6BLM
#
_cell.length_a   47.814
_cell.length_b   67.229
_cell.length_c   94.840
_cell.angle_alpha   90.00
_cell.angle_beta   90.00
_cell.angle_gamma   90.00
#
_symmetry.space_group_name_H-M   'P 21 21 21'
#
loop_
_entity.id
_entity.type
_entity.pdbx_description
1 polymer '4-oxalocrotonate tautomerase'
2 water water
#
_entity_poly.entity_id   1
_entity_poly.type   'polypeptide(L)'
_entity_poly.pdbx_seq_one_letter_code
;PTLEVFLPAGHDDARKAELIARLTGATVDSIGAPIESVRVLLTELPATHIGLGGRSAADGAPPSLPVIVAILIAGRTDEQ
KRALIAALSETSASVLDAPLQATRVMIKDIPNTDFGIGGQTARALGR
;
_entity_poly.pdbx_strand_id   A,B,C
#
# COMPACT_ATOMS: atom_id res chain seq x y z
N PRO A 1 -13.82 -5.15 2.85
CA PRO A 1 -12.72 -4.25 3.23
C PRO A 1 -11.40 -4.99 3.18
N THR A 2 -10.33 -4.26 2.88
CA THR A 2 -9.00 -4.84 2.87
C THR A 2 -8.16 -4.00 3.80
N LEU A 3 -7.67 -4.61 4.86
CA LEU A 3 -6.83 -3.89 5.82
C LEU A 3 -5.41 -4.36 5.73
N GLU A 4 -4.46 -3.45 5.54
CA GLU A 4 -3.05 -3.82 5.67
C GLU A 4 -2.51 -3.20 6.94
N VAL A 5 -1.97 -4.03 7.82
CA VAL A 5 -1.48 -3.59 9.12
C VAL A 5 0.03 -3.69 9.14
N PHE A 6 0.72 -2.56 9.19
CA PHE A 6 2.17 -2.54 9.41
C PHE A 6 2.42 -2.66 10.90
N LEU A 7 3.18 -3.68 11.29
CA LEU A 7 3.46 -3.95 12.71
C LEU A 7 4.87 -4.45 12.85
N PRO A 8 5.44 -4.35 14.06
CA PRO A 8 6.79 -4.87 14.27
C PRO A 8 6.85 -6.37 14.08
N ALA A 9 7.95 -6.86 13.50
CA ALA A 9 8.14 -8.30 13.41
C ALA A 9 8.35 -8.86 14.80
N GLY A 10 8.00 -10.13 14.99
CA GLY A 10 8.27 -10.80 16.26
C GLY A 10 7.09 -11.16 17.14
N HIS A 11 5.88 -10.69 16.79
CA HIS A 11 4.70 -11.06 17.58
C HIS A 11 4.39 -12.52 17.35
N ASP A 12 3.87 -13.21 18.37
CA ASP A 12 3.65 -14.64 18.17
C ASP A 12 2.34 -14.87 17.42
N ASP A 13 2.19 -16.08 16.93
CA ASP A 13 1.05 -16.43 16.08
C ASP A 13 -0.28 -16.20 16.79
N ALA A 14 -0.33 -16.50 18.08
CA ALA A 14 -1.54 -16.29 18.84
C ALA A 14 -1.93 -14.81 18.84
N ARG A 15 -0.95 -13.93 19.01
CA ARG A 15 -1.25 -12.51 19.04
C ARG A 15 -1.69 -12.00 17.67
N LYS A 16 -1.05 -12.50 16.62
CA LYS A 16 -1.45 -12.14 15.26
C LYS A 16 -2.87 -12.60 14.94
N ALA A 17 -3.21 -13.81 15.37
CA ALA A 17 -4.56 -14.33 15.15
C ALA A 17 -5.56 -13.48 15.91
N GLU A 18 -5.21 -13.09 17.13
CA GLU A 18 -6.08 -12.24 17.92
C GLU A 18 -6.25 -10.87 17.28
N LEU A 19 -5.16 -10.33 16.76
CA LEU A 19 -5.23 -9.05 16.07
C LEU A 19 -6.13 -9.14 14.84
N ILE A 20 -5.99 -10.19 14.05
CA ILE A 20 -6.84 -10.38 12.89
C ILE A 20 -8.32 -10.51 13.28
N ALA A 21 -8.60 -11.31 14.31
CA ALA A 21 -9.99 -11.50 14.74
C ALA A 21 -10.57 -10.18 15.26
N ARG A 22 -9.83 -9.50 16.11
CA ARG A 22 -10.35 -8.30 16.74
C ARG A 22 -10.46 -7.11 15.76
N LEU A 23 -9.51 -6.99 14.84
CA LEU A 23 -9.65 -5.93 13.84
C LEU A 23 -10.82 -6.20 12.91
N THR A 24 -11.07 -7.48 12.63
CA THR A 24 -12.21 -7.85 11.81
C THR A 24 -13.52 -7.46 12.50
N GLY A 25 -13.64 -7.82 13.77
CA GLY A 25 -14.82 -7.43 14.54
C GLY A 25 -14.97 -5.93 14.59
N ALA A 26 -13.87 -5.19 14.74
CA ALA A 26 -13.91 -3.73 14.78
C ALA A 26 -14.45 -3.15 13.47
N THR A 27 -14.08 -3.79 12.38
CA THR A 27 -14.51 -3.34 11.06
C THR A 27 -16.00 -3.60 10.86
N VAL A 28 -16.46 -4.81 11.19
CA VAL A 28 -17.89 -5.13 11.12
C VAL A 28 -18.71 -4.19 11.96
N ASP A 29 -18.29 -3.94 13.20
CA ASP A 29 -19.01 -3.03 14.08
C ASP A 29 -19.10 -1.61 13.52
N SER A 30 -18.00 -1.15 12.93
CA SER A 30 -17.88 0.24 12.54
C SER A 30 -18.57 0.60 11.24
N ILE A 31 -18.47 -0.27 10.24
CA ILE A 31 -18.97 0.10 8.93
C ILE A 31 -19.94 -0.93 8.35
N GLY A 32 -20.15 -2.03 9.08
CA GLY A 32 -21.20 -2.99 8.76
C GLY A 32 -20.93 -3.89 7.57
N ALA A 33 -19.67 -4.00 7.19
CA ALA A 33 -19.30 -4.93 6.14
C ALA A 33 -19.58 -6.36 6.56
N PRO A 34 -20.02 -7.20 5.61
CA PRO A 34 -20.16 -8.63 5.88
C PRO A 34 -18.83 -9.20 6.38
N ILE A 35 -18.85 -9.99 7.43
CA ILE A 35 -17.59 -10.42 8.05
C ILE A 35 -16.73 -11.19 7.05
N GLU A 36 -17.35 -11.99 6.18
CA GLU A 36 -16.59 -12.78 5.21
C GLU A 36 -15.88 -11.90 4.17
N SER A 37 -16.31 -10.65 4.04
CA SER A 37 -15.70 -9.74 3.08
C SER A 37 -14.46 -9.05 3.64
N VAL A 38 -14.19 -9.23 4.93
CA VAL A 38 -13.07 -8.50 5.55
C VAL A 38 -11.79 -9.30 5.44
N ARG A 39 -10.83 -8.72 4.72
CA ARG A 39 -9.50 -9.31 4.56
C ARG A 39 -8.48 -8.49 5.31
N VAL A 40 -7.60 -9.17 6.03
CA VAL A 40 -6.54 -8.52 6.80
C VAL A 40 -5.20 -9.09 6.37
N LEU A 41 -4.25 -8.23 6.04
CA LEU A 41 -2.89 -8.70 5.84
C LEU A 41 -1.99 -7.97 6.79
N LEU A 42 -1.19 -8.74 7.50
CA LEU A 42 -0.21 -8.15 8.39
C LEU A 42 1.10 -8.05 7.62
N THR A 43 1.67 -6.85 7.60
CA THR A 43 2.98 -6.62 7.00
C THR A 43 3.97 -6.36 8.12
N GLU A 44 4.74 -7.40 8.46
CA GLU A 44 5.75 -7.28 9.51
C GLU A 44 6.94 -6.48 9.01
N LEU A 45 7.44 -5.60 9.86
CA LEU A 45 8.60 -4.78 9.50
C LEU A 45 9.73 -5.01 10.49
N PRO A 46 10.95 -5.24 9.98
CA PRO A 46 12.15 -5.24 10.83
C PRO A 46 12.32 -3.87 11.48
N ALA A 47 12.96 -3.81 12.64
CA ALA A 47 13.07 -2.55 13.36
C ALA A 47 13.86 -1.49 12.58
N THR A 48 14.76 -1.96 11.71
CA THR A 48 15.52 -1.05 10.85
C THR A 48 14.70 -0.45 9.71
N HIS A 49 13.47 -0.94 9.54
CA HIS A 49 12.62 -0.49 8.44
C HIS A 49 11.57 0.52 8.89
N ILE A 50 11.51 0.75 10.19
CA ILE A 50 10.42 1.50 10.80
C ILE A 50 10.96 2.88 11.20
N GLY A 51 10.56 3.92 10.48
CA GLY A 51 11.14 5.24 10.68
C GLY A 51 10.16 6.25 11.26
N LEU A 52 10.61 6.93 12.32
CA LEU A 52 9.90 8.06 12.88
C LEU A 52 10.94 9.12 13.27
N GLY A 53 10.73 10.34 12.82
CA GLY A 53 11.66 11.42 13.13
C GLY A 53 12.98 11.31 12.40
N GLY A 54 13.01 10.50 11.35
CA GLY A 54 14.25 10.32 10.58
C GLY A 54 15.19 9.29 11.15
N ARG A 55 14.74 8.55 12.15
CA ARG A 55 15.50 7.52 12.84
C ARG A 55 14.67 6.24 12.84
N SER A 56 15.30 5.08 12.72
CA SER A 56 14.54 3.84 12.78
C SER A 56 14.26 3.43 14.21
N ALA A 57 13.30 2.53 14.38
CA ALA A 57 13.02 1.95 15.69
C ALA A 57 14.27 1.30 16.28
N ALA A 58 15.08 0.67 15.44
CA ALA A 58 16.31 0.00 15.89
C ALA A 58 17.34 1.04 16.36
N ASP A 59 17.16 2.27 15.90
CA ASP A 59 18.08 3.37 16.15
C ASP A 59 17.46 4.37 17.15
N GLY A 60 16.48 3.92 17.93
CA GLY A 60 15.98 4.72 19.03
C GLY A 60 14.72 5.53 18.80
N ALA A 61 14.06 5.32 17.68
CA ALA A 61 12.79 5.99 17.42
C ALA A 61 11.73 5.59 18.44
N PRO A 62 10.87 6.55 18.81
CA PRO A 62 9.70 6.28 19.64
C PRO A 62 8.74 5.36 18.89
N PRO A 63 7.80 4.73 19.59
CA PRO A 63 6.79 3.87 18.95
C PRO A 63 6.06 4.58 17.81
N SER A 64 5.85 3.87 16.70
CA SER A 64 5.19 4.45 15.55
C SER A 64 4.25 3.48 14.84
N LEU A 65 4.18 2.25 15.33
CA LEU A 65 3.28 1.25 14.77
C LEU A 65 2.24 0.83 15.83
N PRO A 66 1.07 0.28 15.42
CA PRO A 66 0.66 -0.08 14.07
C PRO A 66 0.13 1.06 13.21
N VAL A 67 0.34 0.91 11.91
CA VAL A 67 -0.22 1.78 10.89
C VAL A 67 -1.12 0.90 10.02
N ILE A 68 -2.37 1.33 9.82
CA ILE A 68 -3.33 0.52 9.09
C ILE A 68 -3.82 1.26 7.86
N VAL A 69 -3.70 0.61 6.71
CA VAL A 69 -4.28 1.13 5.47
C VAL A 69 -5.56 0.34 5.21
N ALA A 70 -6.69 1.05 5.14
CA ALA A 70 -7.98 0.41 5.01
C ALA A 70 -8.55 0.79 3.67
N ILE A 71 -8.73 -0.18 2.79
CA ILE A 71 -9.25 0.10 1.46
C ILE A 71 -10.70 -0.36 1.43
N LEU A 72 -11.60 0.61 1.20
CA LEU A 72 -13.06 0.41 1.28
C LEU A 72 -13.73 0.71 -0.04
N ILE A 73 -14.80 0.00 -0.37
CA ILE A 73 -15.69 0.49 -1.41
C ILE A 73 -16.28 1.82 -0.96
N ALA A 74 -16.35 2.76 -1.88
CA ALA A 74 -16.83 4.10 -1.56
C ALA A 74 -18.27 4.08 -1.03
N GLY A 75 -18.63 5.12 -0.29
CA GLY A 75 -19.99 5.25 0.18
C GLY A 75 -20.14 5.35 1.69
N ARG A 76 -19.09 5.02 2.43
CA ARG A 76 -19.17 5.14 3.88
C ARG A 76 -19.22 6.60 4.27
N THR A 77 -20.03 6.94 5.27
CA THR A 77 -20.15 8.31 5.71
C THR A 77 -18.94 8.76 6.53
N ASP A 78 -18.83 10.07 6.75
CA ASP A 78 -17.77 10.60 7.59
C ASP A 78 -17.87 10.02 8.98
N GLU A 79 -19.08 9.88 9.50
CA GLU A 79 -19.26 9.26 10.82
C GLU A 79 -18.81 7.80 10.83
N GLN A 80 -19.12 7.06 9.77
CA GLN A 80 -18.68 5.66 9.72
C GLN A 80 -17.16 5.62 9.71
N LYS A 81 -16.55 6.51 8.97
CA LYS A 81 -15.10 6.55 8.87
C LYS A 81 -14.47 6.93 10.21
N ARG A 82 -15.10 7.88 10.91
CA ARG A 82 -14.62 8.25 12.24
C ARG A 82 -14.67 7.06 13.18
N ALA A 83 -15.77 6.31 13.15
CA ALA A 83 -15.88 5.14 13.99
C ALA A 83 -14.83 4.09 13.65
N LEU A 84 -14.62 3.89 12.35
CA LEU A 84 -13.63 2.92 11.90
C LEU A 84 -12.22 3.30 12.37
N ILE A 85 -11.87 4.58 12.21
CA ILE A 85 -10.56 5.02 12.67
C ILE A 85 -10.38 4.78 14.15
N ALA A 86 -11.38 5.14 14.95
CA ALA A 86 -11.29 4.92 16.38
C ALA A 86 -11.19 3.44 16.74
N ALA A 87 -12.07 2.62 16.18
CA ALA A 87 -12.09 1.20 16.54
C ALA A 87 -10.82 0.47 16.10
N LEU A 88 -10.35 0.74 14.89
CA LEU A 88 -9.15 0.08 14.40
C LEU A 88 -7.94 0.48 15.22
N SER A 89 -7.89 1.76 15.60
CA SER A 89 -6.75 2.28 16.34
C SER A 89 -6.73 1.74 17.75
N GLU A 90 -7.88 1.82 18.42
CA GLU A 90 -7.94 1.35 19.79
C GLU A 90 -7.70 -0.16 19.88
N THR A 91 -8.27 -0.91 18.94
CA THR A 91 -8.17 -2.36 18.96
C THR A 91 -6.73 -2.81 18.68
N SER A 92 -6.13 -2.24 17.64
CA SER A 92 -4.78 -2.64 17.28
C SER A 92 -3.77 -2.19 18.35
N ALA A 93 -3.98 -1.02 18.93
CA ALA A 93 -3.09 -0.58 20.01
C ALA A 93 -3.21 -1.53 21.20
N SER A 94 -4.44 -1.91 21.55
CA SER A 94 -4.64 -2.78 22.69
C SER A 94 -4.01 -4.16 22.46
N VAL A 95 -4.23 -4.75 21.30
CA VAL A 95 -3.74 -6.10 21.06
C VAL A 95 -2.21 -6.13 21.00
N LEU A 96 -1.61 -5.11 20.38
CA LEU A 96 -0.17 -5.12 20.17
C LEU A 96 0.60 -4.47 21.32
N ASP A 97 -0.14 -4.07 22.36
CA ASP A 97 0.44 -3.37 23.51
C ASP A 97 1.20 -2.11 23.11
N ALA A 98 0.62 -1.33 22.20
CA ALA A 98 1.25 -0.12 21.69
C ALA A 98 0.51 1.11 22.21
N PRO A 99 1.20 2.26 22.25
CA PRO A 99 0.50 3.48 22.66
C PRO A 99 -0.47 3.93 21.57
N LEU A 100 -1.67 4.38 21.97
CA LEU A 100 -2.64 4.84 20.99
C LEU A 100 -2.08 5.94 20.10
N GLN A 101 -1.29 6.84 20.66
CA GLN A 101 -0.81 7.96 19.88
C GLN A 101 0.11 7.54 18.73
N ALA A 102 0.67 6.34 18.80
CA ALA A 102 1.55 5.84 17.74
C ALA A 102 0.74 5.39 16.52
N THR A 103 -0.53 5.07 16.73
CA THR A 103 -1.30 4.45 15.65
C THR A 103 -1.68 5.44 14.54
N ARG A 104 -1.74 4.94 13.32
CA ARG A 104 -2.21 5.74 12.19
C ARG A 104 -3.16 4.88 11.38
N VAL A 105 -4.19 5.51 10.81
CA VAL A 105 -5.09 4.85 9.90
C VAL A 105 -5.22 5.70 8.64
N MET A 106 -5.16 5.06 7.48
CA MET A 106 -5.36 5.74 6.20
C MET A 106 -6.43 5.02 5.45
N ILE A 107 -7.53 5.70 5.20
CA ILE A 107 -8.63 5.11 4.46
C ILE A 107 -8.58 5.49 2.99
N LYS A 108 -8.60 4.50 2.12
CA LYS A 108 -8.75 4.72 0.68
C LYS A 108 -10.13 4.27 0.25
N ASP A 109 -10.89 5.17 -0.38
CA ASP A 109 -12.20 4.84 -0.95
C ASP A 109 -12.03 4.43 -2.41
N ILE A 110 -12.62 3.29 -2.79
CA ILE A 110 -12.60 2.79 -4.15
C ILE A 110 -14.03 2.87 -4.72
N PRO A 111 -14.23 3.64 -5.80
CA PRO A 111 -15.57 3.69 -6.42
C PRO A 111 -16.04 2.29 -6.82
N ASN A 112 -17.35 2.04 -6.88
CA ASN A 112 -17.82 0.67 -7.12
C ASN A 112 -17.53 0.22 -8.56
N THR A 113 -17.14 1.17 -9.41
CA THR A 113 -16.66 0.90 -10.76
C THR A 113 -15.22 0.43 -10.80
N ASP A 114 -14.53 0.58 -9.67
CA ASP A 114 -13.08 0.40 -9.60
C ASP A 114 -12.71 -0.77 -8.71
N PHE A 115 -13.74 -1.47 -8.24
CA PHE A 115 -13.60 -2.57 -7.30
C PHE A 115 -14.03 -3.88 -7.97
N GLY A 116 -13.17 -4.89 -7.94
CA GLY A 116 -13.50 -6.18 -8.54
C GLY A 116 -13.58 -7.35 -7.57
N ILE A 117 -14.61 -8.18 -7.78
CA ILE A 117 -14.85 -9.39 -7.02
C ILE A 117 -15.10 -10.50 -8.04
N GLY A 118 -14.20 -11.48 -8.12
CA GLY A 118 -14.38 -12.57 -9.07
C GLY A 118 -14.47 -12.12 -10.51
N GLY A 119 -13.76 -11.05 -10.84
CA GLY A 119 -13.74 -10.52 -12.20
C GLY A 119 -14.89 -9.59 -12.58
N GLN A 120 -15.80 -9.35 -11.64
CA GLN A 120 -16.93 -8.46 -11.87
C GLN A 120 -16.83 -7.24 -10.97
N THR A 121 -17.28 -6.09 -11.45
CA THR A 121 -17.21 -4.89 -10.62
C THR A 121 -18.28 -4.92 -9.55
N ALA A 122 -18.03 -4.20 -8.46
CA ALA A 122 -19.02 -4.09 -7.42
C ALA A 122 -20.33 -3.53 -7.98
N ARG A 123 -20.23 -2.61 -8.94
CA ARG A 123 -21.45 -2.06 -9.53
C ARG A 123 -22.20 -3.17 -10.25
N ALA A 124 -21.46 -3.99 -10.99
CA ALA A 124 -22.09 -5.13 -11.67
C ALA A 124 -22.83 -6.03 -10.68
N LEU A 125 -22.26 -6.20 -9.50
CA LEU A 125 -22.83 -7.08 -8.49
C LEU A 125 -23.85 -6.39 -7.58
N GLY A 126 -24.12 -5.13 -7.85
CA GLY A 126 -25.13 -4.40 -7.10
C GLY A 126 -24.59 -3.87 -5.79
N ARG A 127 -23.30 -3.59 -5.78
CA ARG A 127 -22.63 -3.00 -4.63
C ARG A 127 -22.04 -1.66 -5.01
N PRO B 1 -6.50 -13.93 -3.70
CA PRO B 1 -5.49 -12.92 -4.02
C PRO B 1 -6.12 -11.53 -4.08
N THR B 2 -5.33 -10.52 -3.75
CA THR B 2 -5.83 -9.15 -3.80
C THR B 2 -4.83 -8.31 -4.59
N LEU B 3 -5.32 -7.67 -5.66
CA LEU B 3 -4.47 -6.81 -6.47
C LEU B 3 -4.82 -5.35 -6.24
N GLU B 4 -3.83 -4.52 -5.94
CA GLU B 4 -4.03 -3.07 -6.01
C GLU B 4 -3.32 -2.54 -7.25
N VAL B 5 -4.07 -1.87 -8.11
CA VAL B 5 -3.56 -1.40 -9.39
C VAL B 5 -3.55 0.12 -9.42
N PHE B 6 -2.37 0.70 -9.45
CA PHE B 6 -2.24 2.14 -9.58
C PHE B 6 -2.26 2.49 -11.07
N LEU B 7 -3.20 3.34 -11.48
CA LEU B 7 -3.33 3.64 -12.90
C LEU B 7 -3.72 5.09 -13.08
N PRO B 8 -3.46 5.65 -14.27
CA PRO B 8 -3.83 7.05 -14.50
C PRO B 8 -5.34 7.26 -14.42
N ALA B 9 -5.77 8.37 -13.84
CA ALA B 9 -7.18 8.73 -13.82
C ALA B 9 -7.67 9.00 -15.24
N GLY B 10 -8.96 8.80 -15.48
CA GLY B 10 -9.53 9.16 -16.77
C GLY B 10 -10.24 8.06 -17.54
N HIS B 11 -9.84 6.81 -17.36
CA HIS B 11 -10.44 5.69 -18.10
C HIS B 11 -11.92 5.55 -17.77
N ASP B 12 -12.70 5.05 -18.73
CA ASP B 12 -14.14 4.95 -18.51
C ASP B 12 -14.49 3.64 -17.79
N ASP B 13 -15.77 3.47 -17.44
CA ASP B 13 -16.18 2.33 -16.64
C ASP B 13 -15.99 1.01 -17.38
N ALA B 14 -16.25 1.01 -18.68
CA ALA B 14 -16.07 -0.18 -19.50
C ALA B 14 -14.61 -0.63 -19.53
N ARG B 15 -13.68 0.32 -19.62
CA ARG B 15 -12.27 -0.07 -19.66
C ARG B 15 -11.83 -0.60 -18.30
N LYS B 16 -12.31 0.03 -17.24
CA LYS B 16 -11.95 -0.41 -15.89
C LYS B 16 -12.55 -1.77 -15.59
N ALA B 17 -13.79 -2.00 -16.00
CA ALA B 17 -14.39 -3.32 -15.83
C ALA B 17 -13.63 -4.37 -16.63
N GLU B 18 -13.14 -4.00 -17.81
CA GLU B 18 -12.35 -4.93 -18.61
C GLU B 18 -11.01 -5.23 -17.96
N LEU B 19 -10.40 -4.20 -17.39
CA LEU B 19 -9.13 -4.37 -16.69
C LEU B 19 -9.29 -5.36 -15.54
N ILE B 20 -10.37 -5.17 -14.78
CA ILE B 20 -10.68 -6.04 -13.66
C ILE B 20 -10.90 -7.48 -14.12
N ALA B 21 -11.65 -7.63 -15.21
CA ALA B 21 -11.96 -8.95 -15.75
C ALA B 21 -10.70 -9.66 -16.21
N ARG B 22 -9.87 -8.96 -16.96
CA ARG B 22 -8.69 -9.56 -17.57
C ARG B 22 -7.58 -9.83 -16.56
N LEU B 23 -7.39 -8.94 -15.59
CA LEU B 23 -6.38 -9.20 -14.56
C LEU B 23 -6.79 -10.38 -13.68
N THR B 24 -8.09 -10.52 -13.47
CA THR B 24 -8.62 -11.65 -12.72
C THR B 24 -8.34 -12.95 -13.44
N GLY B 25 -8.62 -12.96 -14.75
CA GLY B 25 -8.32 -14.11 -15.58
C GLY B 25 -6.85 -14.46 -15.54
N ALA B 26 -6.00 -13.45 -15.63
CA ALA B 26 -4.54 -13.64 -15.62
C ALA B 26 -4.08 -14.28 -14.31
N THR B 27 -4.72 -13.88 -13.22
CA THR B 27 -4.41 -14.43 -11.91
C THR B 27 -4.86 -15.88 -11.78
N VAL B 28 -6.07 -16.15 -12.22
CA VAL B 28 -6.61 -17.51 -12.15
C VAL B 28 -5.74 -18.46 -12.97
N ASP B 29 -5.37 -18.04 -14.17
CA ASP B 29 -4.55 -18.87 -15.05
C ASP B 29 -3.14 -19.09 -14.51
N SER B 30 -2.59 -18.09 -13.84
CA SER B 30 -1.20 -18.13 -13.40
C SER B 30 -0.96 -18.92 -12.11
N ILE B 31 -1.81 -18.72 -11.10
CA ILE B 31 -1.57 -19.31 -9.80
C ILE B 31 -2.73 -20.17 -9.30
N GLY B 32 -3.70 -20.40 -10.18
CA GLY B 32 -4.77 -21.34 -9.91
C GLY B 32 -5.67 -20.99 -8.75
N ALA B 33 -5.83 -19.69 -8.51
CA ALA B 33 -6.75 -19.24 -7.48
C ALA B 33 -8.19 -19.39 -7.98
N PRO B 34 -9.11 -19.79 -7.08
CA PRO B 34 -10.53 -19.78 -7.43
C PRO B 34 -10.93 -18.38 -7.86
N ILE B 35 -11.64 -18.23 -8.97
CA ILE B 35 -11.95 -16.90 -9.48
C ILE B 35 -12.68 -16.02 -8.45
N GLU B 36 -13.52 -16.61 -7.62
CA GLU B 36 -14.30 -15.80 -6.69
C GLU B 36 -13.47 -15.29 -5.51
N SER B 37 -12.22 -15.75 -5.40
CA SER B 37 -11.34 -15.28 -4.35
C SER B 37 -10.47 -14.09 -4.80
N VAL B 38 -10.52 -13.74 -6.08
CA VAL B 38 -9.66 -12.69 -6.60
C VAL B 38 -10.34 -11.32 -6.46
N ARG B 39 -9.69 -10.45 -5.69
CA ARG B 39 -10.16 -9.09 -5.46
C ARG B 39 -9.22 -8.14 -6.20
N VAL B 40 -9.80 -7.19 -6.95
CA VAL B 40 -9.02 -6.17 -7.66
C VAL B 40 -9.44 -4.78 -7.18
N LEU B 41 -8.44 -3.98 -6.80
CA LEU B 41 -8.69 -2.63 -6.31
C LEU B 41 -8.00 -1.66 -7.21
N LEU B 42 -8.75 -0.86 -7.97
CA LEU B 42 -8.14 0.14 -8.84
C LEU B 42 -7.97 1.45 -8.09
N THR B 43 -6.74 1.96 -8.06
CA THR B 43 -6.42 3.23 -7.42
C THR B 43 -5.99 4.23 -8.50
N GLU B 44 -6.91 5.12 -8.85
CA GLU B 44 -6.64 6.15 -9.85
C GLU B 44 -5.78 7.29 -9.31
N LEU B 45 -4.84 7.73 -10.12
CA LEU B 45 -3.96 8.86 -9.76
C LEU B 45 -4.03 9.96 -10.81
N PRO B 46 -4.24 11.21 -10.37
CA PRO B 46 -4.12 12.36 -11.29
C PRO B 46 -2.67 12.51 -11.74
N ALA B 47 -2.43 13.19 -12.86
CA ALA B 47 -1.08 13.30 -13.40
C ALA B 47 -0.15 14.06 -12.45
N THR B 48 -0.73 14.94 -11.64
CA THR B 48 0.06 15.71 -10.68
C THR B 48 0.53 14.88 -9.49
N HIS B 49 0.02 13.65 -9.39
CA HIS B 49 0.33 12.77 -8.26
C HIS B 49 1.22 11.62 -8.64
N ILE B 50 1.75 11.65 -9.86
CA ILE B 50 2.54 10.57 -10.41
C ILE B 50 3.92 11.10 -10.75
N GLY B 51 4.96 10.52 -10.16
CA GLY B 51 6.32 10.94 -10.48
C GLY B 51 7.20 9.83 -11.00
N LEU B 52 8.01 10.15 -12.00
CA LEU B 52 9.04 9.25 -12.46
C LEU B 52 10.31 10.04 -12.75
N GLY B 53 11.43 9.61 -12.19
CA GLY B 53 12.69 10.33 -12.39
C GLY B 53 12.65 11.75 -11.83
N GLY B 54 11.81 11.98 -10.83
CA GLY B 54 11.75 13.29 -10.19
C GLY B 54 10.86 14.30 -10.89
N ARG B 55 10.28 13.88 -12.01
CA ARG B 55 9.34 14.71 -12.77
C ARG B 55 7.92 14.16 -12.65
N SER B 56 6.92 15.03 -12.52
CA SER B 56 5.54 14.56 -12.48
C SER B 56 5.07 14.22 -13.88
N ALA B 57 4.05 13.36 -13.98
CA ALA B 57 3.45 13.04 -15.26
C ALA B 57 2.83 14.30 -15.87
N ALA B 58 2.42 15.23 -15.00
CA ALA B 58 1.83 16.49 -15.46
C ALA B 58 2.90 17.37 -16.08
N ASP B 59 4.15 17.13 -15.74
CA ASP B 59 5.27 17.88 -16.30
C ASP B 59 6.06 17.06 -17.34
N GLY B 60 5.40 16.07 -17.92
CA GLY B 60 5.97 15.34 -19.02
C GLY B 60 6.77 14.06 -18.75
N ALA B 61 6.68 13.54 -17.53
CA ALA B 61 7.39 12.30 -17.23
C ALA B 61 6.91 11.19 -18.19
N PRO B 62 7.83 10.27 -18.55
CA PRO B 62 7.41 9.10 -19.32
C PRO B 62 6.40 8.27 -18.54
N PRO B 63 5.69 7.34 -19.21
CA PRO B 63 4.72 6.52 -18.47
C PRO B 63 5.38 5.69 -17.37
N SER B 64 4.70 5.56 -16.24
CA SER B 64 5.25 4.86 -15.10
C SER B 64 4.21 3.94 -14.47
N LEU B 65 3.02 3.94 -15.06
CA LEU B 65 1.93 3.10 -14.58
C LEU B 65 1.50 2.17 -15.71
N PRO B 66 0.85 1.04 -15.39
CA PRO B 66 0.43 0.58 -14.06
C PRO B 66 1.52 0.01 -13.17
N VAL B 67 1.37 0.28 -11.88
CA VAL B 67 2.08 -0.39 -10.81
C VAL B 67 1.05 -1.28 -10.12
N ILE B 68 1.33 -2.58 -10.06
CA ILE B 68 0.42 -3.53 -9.46
C ILE B 68 1.04 -4.18 -8.22
N VAL B 69 0.34 -4.08 -7.10
CA VAL B 69 0.69 -4.82 -5.90
C VAL B 69 -0.20 -6.05 -5.83
N ALA B 70 0.42 -7.21 -5.78
CA ALA B 70 -0.30 -8.48 -5.70
C ALA B 70 -0.09 -9.13 -4.34
N ILE B 71 -1.16 -9.16 -3.54
CA ILE B 71 -1.12 -9.73 -2.21
C ILE B 71 -1.56 -11.19 -2.26
N LEU B 72 -0.64 -12.07 -1.89
CA LEU B 72 -0.82 -13.51 -1.99
C LEU B 72 -0.56 -14.17 -0.64
N ILE B 73 -1.37 -15.17 -0.32
CA ILE B 73 -1.03 -16.06 0.78
C ILE B 73 0.23 -16.82 0.39
N ALA B 74 1.17 -16.92 1.32
CA ALA B 74 2.44 -17.62 1.09
C ALA B 74 2.24 -19.04 0.60
N GLY B 75 3.12 -19.47 -0.31
CA GLY B 75 3.08 -20.83 -0.80
C GLY B 75 3.39 -20.98 -2.28
N ARG B 76 3.14 -19.92 -3.05
CA ARG B 76 3.40 -19.98 -4.48
C ARG B 76 4.91 -20.11 -4.71
N THR B 77 5.28 -20.90 -5.72
CA THR B 77 6.69 -21.09 -6.06
C THR B 77 7.26 -19.89 -6.81
N ASP B 78 8.59 -19.81 -6.90
CA ASP B 78 9.20 -18.69 -7.61
C ASP B 78 8.74 -18.63 -9.06
N GLU B 79 8.63 -19.78 -9.70
CA GLU B 79 8.27 -19.76 -11.11
C GLU B 79 6.78 -19.49 -11.34
N GLN B 80 5.94 -19.82 -10.36
CA GLN B 80 4.54 -19.39 -10.41
C GLN B 80 4.43 -17.87 -10.30
N LYS B 81 5.25 -17.28 -9.45
CA LYS B 81 5.27 -15.83 -9.32
C LYS B 81 5.78 -15.16 -10.60
N ARG B 82 6.80 -15.76 -11.20
CA ARG B 82 7.31 -15.27 -12.47
C ARG B 82 6.21 -15.26 -13.53
N ALA B 83 5.41 -16.33 -13.56
CA ALA B 83 4.29 -16.38 -14.50
C ALA B 83 3.21 -15.35 -14.19
N LEU B 84 2.92 -15.16 -12.90
CA LEU B 84 1.94 -14.16 -12.49
C LEU B 84 2.40 -12.77 -12.93
N ILE B 85 3.66 -12.46 -12.67
CA ILE B 85 4.23 -11.18 -13.04
C ILE B 85 4.13 -10.93 -14.54
N ALA B 86 4.47 -11.94 -15.34
CA ALA B 86 4.37 -11.77 -16.79
C ALA B 86 2.94 -11.51 -17.23
N ALA B 87 2.01 -12.29 -16.71
CA ALA B 87 0.61 -12.20 -17.12
C ALA B 87 -0.06 -10.89 -16.70
N LEU B 88 0.15 -10.47 -15.45
CA LEU B 88 -0.43 -9.20 -15.01
C LEU B 88 0.14 -8.02 -15.77
N SER B 89 1.43 -8.09 -16.09
CA SER B 89 2.09 -6.99 -16.77
C SER B 89 1.60 -6.85 -18.21
N GLU B 90 1.58 -7.96 -18.93
CA GLU B 90 1.16 -7.90 -20.32
C GLU B 90 -0.33 -7.59 -20.42
N THR B 91 -1.13 -8.12 -19.50
CA THR B 91 -2.57 -7.86 -19.53
C THR B 91 -2.89 -6.39 -19.24
N SER B 92 -2.32 -5.85 -18.17
CA SER B 92 -2.60 -4.47 -17.80
C SER B 92 -2.06 -3.50 -18.85
N ALA B 93 -0.92 -3.83 -19.43
CA ALA B 93 -0.34 -3.00 -20.49
C ALA B 93 -1.26 -2.98 -21.72
N SER B 94 -1.75 -4.15 -22.10
CA SER B 94 -2.63 -4.28 -23.26
C SER B 94 -3.92 -3.50 -23.07
N VAL B 95 -4.61 -3.73 -21.95
CA VAL B 95 -5.90 -3.11 -21.70
C VAL B 95 -5.81 -1.58 -21.60
N LEU B 96 -4.74 -1.09 -20.98
CA LEU B 96 -4.59 0.35 -20.76
C LEU B 96 -3.79 1.05 -21.86
N ASP B 97 -3.32 0.28 -22.83
CA ASP B 97 -2.46 0.79 -23.91
C ASP B 97 -1.22 1.47 -23.34
N ALA B 98 -0.62 0.83 -22.34
CA ALA B 98 0.61 1.33 -21.73
C ALA B 98 1.78 0.48 -22.21
N PRO B 99 2.98 1.10 -22.29
CA PRO B 99 4.20 0.36 -22.61
C PRO B 99 4.45 -0.73 -21.58
N LEU B 100 4.70 -1.95 -22.03
CA LEU B 100 5.01 -3.04 -21.12
C LEU B 100 6.19 -2.70 -20.21
N GLN B 101 7.22 -2.05 -20.78
CA GLN B 101 8.39 -1.68 -20.00
C GLN B 101 8.05 -0.75 -18.82
N ALA B 102 6.90 -0.10 -18.87
CA ALA B 102 6.53 0.85 -17.82
C ALA B 102 5.87 0.16 -16.63
N THR B 103 5.42 -1.07 -16.84
CA THR B 103 4.70 -1.77 -15.77
C THR B 103 5.63 -2.25 -14.67
N ARG B 104 5.11 -2.27 -13.45
CA ARG B 104 5.83 -2.79 -12.30
C ARG B 104 4.88 -3.67 -11.52
N VAL B 105 5.37 -4.79 -11.03
CA VAL B 105 4.59 -5.67 -10.18
C VAL B 105 5.33 -5.91 -8.87
N MET B 106 4.62 -5.82 -7.77
CA MET B 106 5.21 -6.11 -6.46
C MET B 106 4.36 -7.13 -5.74
N ILE B 107 4.84 -8.36 -5.62
CA ILE B 107 4.14 -9.37 -4.86
C ILE B 107 4.45 -9.21 -3.39
N LYS B 108 3.40 -9.14 -2.58
CA LYS B 108 3.51 -9.22 -1.13
C LYS B 108 3.07 -10.61 -0.72
N ASP B 109 4.07 -11.44 -0.39
CA ASP B 109 3.86 -12.78 0.09
C ASP B 109 3.51 -12.76 1.58
N ILE B 110 2.30 -13.13 1.95
CA ILE B 110 1.87 -13.03 3.34
C ILE B 110 1.84 -14.40 4.01
N PRO B 111 2.64 -14.59 5.07
CA PRO B 111 2.62 -15.89 5.78
C PRO B 111 1.21 -16.26 6.19
N ASN B 112 0.88 -17.55 6.26
CA ASN B 112 -0.51 -17.92 6.57
C ASN B 112 -0.95 -17.57 7.99
N THR B 113 0.02 -17.27 8.86
CA THR B 113 -0.24 -16.77 10.20
C THR B 113 -0.59 -15.28 10.20
N ASP B 114 -0.36 -14.63 9.05
CA ASP B 114 -0.37 -13.17 8.94
C ASP B 114 -1.48 -12.69 8.03
N PHE B 115 -2.34 -13.61 7.58
CA PHE B 115 -3.40 -13.26 6.66
C PHE B 115 -4.74 -13.69 7.23
N GLY B 116 -5.72 -12.79 7.18
CA GLY B 116 -7.03 -13.12 7.72
C GLY B 116 -8.15 -13.00 6.71
N ILE B 117 -9.07 -13.96 6.75
CA ILE B 117 -10.30 -13.89 5.97
C ILE B 117 -11.45 -14.11 6.93
N GLY B 118 -12.37 -13.15 7.00
CA GLY B 118 -13.53 -13.31 7.87
C GLY B 118 -13.16 -13.44 9.34
N GLY B 119 -11.99 -12.91 9.70
CA GLY B 119 -11.55 -12.92 11.07
C GLY B 119 -10.77 -14.17 11.45
N GLN B 120 -10.58 -15.05 10.49
CA GLN B 120 -9.88 -16.30 10.71
C GLN B 120 -8.59 -16.31 9.93
N THR B 121 -7.51 -16.84 10.51
CA THR B 121 -6.24 -16.81 9.77
C THR B 121 -6.21 -17.84 8.65
N ALA B 122 -5.42 -17.56 7.63
CA ALA B 122 -5.25 -18.52 6.57
C ALA B 122 -4.79 -19.87 7.13
N ARG B 123 -3.91 -19.86 8.14
CA ARG B 123 -3.45 -21.13 8.70
C ARG B 123 -4.60 -21.87 9.36
N ALA B 124 -5.44 -21.15 10.10
CA ALA B 124 -6.62 -21.78 10.70
C ALA B 124 -7.48 -22.47 9.65
N LEU B 125 -7.59 -21.86 8.48
CA LEU B 125 -8.46 -22.34 7.41
C LEU B 125 -7.78 -23.40 6.53
N GLY B 126 -6.57 -23.82 6.88
CA GLY B 126 -5.88 -24.87 6.16
C GLY B 126 -5.17 -24.40 4.90
N ARG B 127 -5.08 -23.08 4.76
CA ARG B 127 -4.36 -22.50 3.62
C ARG B 127 -2.94 -22.12 4.02
N PRO C 1 13.03 2.02 -7.06
CA PRO C 1 12.28 2.26 -5.82
C PRO C 1 10.93 2.89 -6.14
N THR C 2 9.93 2.56 -5.33
CA THR C 2 8.63 3.16 -5.48
C THR C 2 8.21 3.71 -4.13
N LEU C 3 7.95 5.00 -4.05
CA LEU C 3 7.48 5.60 -2.82
C LEU C 3 6.00 5.85 -2.94
N GLU C 4 5.22 5.32 -2.01
CA GLU C 4 3.83 5.75 -1.87
C GLU C 4 3.76 6.73 -0.72
N VAL C 5 3.37 7.94 -1.03
CA VAL C 5 3.37 9.02 -0.07
C VAL C 5 1.93 9.33 0.29
N PHE C 6 1.55 8.98 1.52
CA PHE C 6 0.22 9.27 2.01
C PHE C 6 0.25 10.70 2.49
N LEU C 7 -0.57 11.53 1.84
CA LEU C 7 -0.47 12.98 1.96
C LEU C 7 -1.85 13.54 2.30
N PRO C 8 -1.96 14.36 3.36
CA PRO C 8 -3.24 15.04 3.54
C PRO C 8 -3.49 16.05 2.42
N ALA C 9 -4.75 16.18 2.03
CA ALA C 9 -5.12 17.13 0.99
C ALA C 9 -4.82 18.57 1.41
N GLY C 10 -4.60 19.44 0.43
CA GLY C 10 -4.41 20.85 0.72
C GLY C 10 -3.18 21.49 0.09
N HIS C 11 -2.20 20.69 -0.27
CA HIS C 11 -0.99 21.25 -0.89
C HIS C 11 -1.22 21.51 -2.37
N ASP C 12 -0.63 22.58 -2.91
CA ASP C 12 -0.88 22.90 -4.31
C ASP C 12 0.06 22.11 -5.22
N ASP C 13 -0.13 22.27 -6.52
CA ASP C 13 0.58 21.44 -7.50
C ASP C 13 2.08 21.68 -7.45
N ALA C 14 2.49 22.91 -7.17
CA ALA C 14 3.91 23.23 -7.09
C ALA C 14 4.56 22.49 -5.94
N ARG C 15 3.89 22.47 -4.78
CA ARG C 15 4.43 21.77 -3.64
C ARG C 15 4.49 20.25 -3.89
N LYS C 16 3.48 19.72 -4.58
CA LYS C 16 3.47 18.31 -4.92
C LYS C 16 4.65 17.98 -5.84
N ALA C 17 4.86 18.82 -6.84
CA ALA C 17 5.98 18.63 -7.77
C ALA C 17 7.31 18.75 -7.07
N GLU C 18 7.44 19.72 -6.16
CA GLU C 18 8.64 19.88 -5.35
C GLU C 18 8.88 18.63 -4.49
N LEU C 19 7.81 18.11 -3.91
CA LEU C 19 7.93 16.90 -3.09
C LEU C 19 8.39 15.71 -3.93
N ILE C 20 7.80 15.53 -5.10
CA ILE C 20 8.22 14.48 -6.02
C ILE C 20 9.71 14.64 -6.38
N ALA C 21 10.12 15.86 -6.69
CA ALA C 21 11.50 16.08 -7.12
C ALA C 21 12.49 15.84 -5.98
N ARG C 22 12.17 16.37 -4.81
CA ARG C 22 13.07 16.32 -3.68
C ARG C 22 13.11 14.95 -3.01
N LEU C 23 11.97 14.25 -2.97
CA LEU C 23 12.00 12.89 -2.44
C LEU C 23 12.78 11.98 -3.35
N THR C 24 12.68 12.24 -4.66
CA THR C 24 13.44 11.47 -5.64
C THR C 24 14.94 11.69 -5.46
N GLY C 25 15.34 12.96 -5.33
CA GLY C 25 16.74 13.26 -5.08
C GLY C 25 17.28 12.64 -3.80
N ALA C 26 16.47 12.66 -2.73
CA ALA C 26 16.83 12.05 -1.47
C ALA C 26 17.03 10.54 -1.62
N THR C 27 16.21 9.92 -2.47
CA THR C 27 16.30 8.49 -2.72
C THR C 27 17.58 8.16 -3.48
N VAL C 28 17.86 8.94 -4.51
CA VAL C 28 19.07 8.75 -5.31
C VAL C 28 20.32 8.89 -4.43
N ASP C 29 20.37 9.94 -3.63
CA ASP C 29 21.52 10.16 -2.76
C ASP C 29 21.70 9.04 -1.74
N SER C 30 20.61 8.57 -1.14
CA SER C 30 20.74 7.65 -0.01
C SER C 30 20.93 6.19 -0.41
N ILE C 31 20.33 5.76 -1.52
CA ILE C 31 20.48 4.35 -1.88
C ILE C 31 21.01 4.14 -3.29
N GLY C 32 21.25 5.22 -4.01
CA GLY C 32 21.97 5.14 -5.27
C GLY C 32 21.23 4.50 -6.42
N ALA C 33 19.90 4.52 -6.35
CA ALA C 33 19.11 4.05 -7.46
C ALA C 33 19.23 5.02 -8.62
N PRO C 34 19.27 4.50 -9.85
CA PRO C 34 19.17 5.35 -11.05
C PRO C 34 17.94 6.23 -10.95
N ILE C 35 18.08 7.52 -11.24
CA ILE C 35 16.98 8.46 -11.00
C ILE C 35 15.75 8.06 -11.80
N GLU C 36 15.97 7.48 -12.98
CA GLU C 36 14.86 7.11 -13.85
C GLU C 36 14.07 5.93 -13.29
N SER C 37 14.65 5.22 -12.32
CA SER C 37 13.99 4.06 -11.72
C SER C 37 13.16 4.45 -10.50
N VAL C 38 13.22 5.71 -10.10
CA VAL C 38 12.51 6.12 -8.89
C VAL C 38 11.11 6.62 -9.24
N ARG C 39 10.11 5.94 -8.67
CA ARG C 39 8.71 6.30 -8.86
C ARG C 39 8.16 6.87 -7.56
N VAL C 40 7.37 7.93 -7.68
CA VAL C 40 6.68 8.49 -6.53
C VAL C 40 5.19 8.50 -6.81
N LEU C 41 4.40 7.94 -5.89
CA LEU C 41 2.95 7.91 -6.04
C LEU C 41 2.39 8.69 -4.88
N LEU C 42 1.74 9.82 -5.15
CA LEU C 42 1.14 10.60 -4.09
C LEU C 42 -0.29 10.12 -3.88
N THR C 43 -0.57 9.64 -2.67
CA THR C 43 -1.89 9.20 -2.29
C THR C 43 -2.46 10.30 -1.41
N GLU C 44 -3.26 11.17 -2.03
CA GLU C 44 -3.78 12.32 -1.33
C GLU C 44 -5.11 11.96 -0.70
N LEU C 45 -5.22 12.18 0.60
CA LEU C 45 -6.42 11.78 1.32
C LEU C 45 -7.07 12.95 2.02
N PRO C 46 -8.40 12.99 2.00
CA PRO C 46 -9.10 13.99 2.81
C PRO C 46 -8.82 13.79 4.29
N ALA C 47 -8.96 14.84 5.09
CA ALA C 47 -8.69 14.76 6.52
C ALA C 47 -9.57 13.74 7.22
N THR C 48 -10.76 13.52 6.68
CA THR C 48 -11.69 12.54 7.23
C THR C 48 -11.23 11.08 7.02
N HIS C 49 -10.17 10.90 6.24
CA HIS C 49 -9.64 9.57 5.94
C HIS C 49 -8.37 9.26 6.71
N ILE C 50 -7.92 10.21 7.48
CA ILE C 50 -6.62 10.08 8.11
C ILE C 50 -6.80 10.06 9.61
N GLY C 51 -6.35 8.98 10.23
CA GLY C 51 -6.41 8.84 11.67
C GLY C 51 -5.04 8.95 12.29
N LEU C 52 -4.94 9.76 13.34
CA LEU C 52 -3.75 9.84 14.17
C LEU C 52 -4.17 9.66 15.61
N GLY C 53 -3.63 8.66 16.29
CA GLY C 53 -4.00 8.42 17.68
C GLY C 53 -5.47 8.13 17.91
N GLY C 54 -6.11 7.55 16.91
CA GLY C 54 -7.49 7.12 17.06
C GLY C 54 -8.52 8.14 16.62
N ARG C 55 -8.06 9.30 16.16
CA ARG C 55 -8.97 10.35 15.69
C ARG C 55 -8.50 10.95 14.38
N SER C 56 -9.42 11.51 13.61
CA SER C 56 -9.09 12.34 12.46
C SER C 56 -8.78 13.77 12.92
N ALA C 57 -8.17 14.58 12.07
CA ALA C 57 -7.93 15.99 12.39
C ALA C 57 -9.24 16.68 12.77
N ALA C 58 -10.30 16.32 12.05
CA ALA C 58 -11.63 16.85 12.27
C ALA C 58 -12.14 16.56 13.67
N ASP C 59 -11.60 15.51 14.30
CA ASP C 59 -12.02 15.17 15.65
C ASP C 59 -10.93 15.49 16.69
N GLY C 60 -9.93 16.26 16.28
CA GLY C 60 -9.00 16.82 17.25
C GLY C 60 -7.55 16.39 17.19
N ALA C 61 -7.24 15.41 16.36
CA ALA C 61 -5.85 14.99 16.21
C ALA C 61 -5.06 16.11 15.56
N PRO C 62 -3.77 16.23 15.90
CA PRO C 62 -2.92 17.22 15.23
C PRO C 62 -2.67 16.84 13.77
N PRO C 63 -2.35 17.83 12.91
CA PRO C 63 -2.12 17.61 11.47
C PRO C 63 -1.12 16.50 11.15
N SER C 64 -1.33 15.82 10.02
CA SER C 64 -0.51 14.67 9.66
C SER C 64 0.69 15.01 8.78
N LEU C 65 1.87 14.60 9.22
CA LEU C 65 3.03 14.55 8.35
C LEU C 65 2.74 13.47 7.32
N PRO C 66 3.43 13.53 6.17
CA PRO C 66 3.24 12.40 5.25
C PRO C 66 3.69 11.11 5.88
N VAL C 67 3.10 10.03 5.43
CA VAL C 67 3.61 8.71 5.73
C VAL C 67 4.08 8.13 4.43
N ILE C 68 5.37 7.82 4.36
CA ILE C 68 5.95 7.31 3.13
C ILE C 68 6.21 5.82 3.25
N VAL C 69 5.64 5.04 2.34
CA VAL C 69 6.00 3.63 2.22
C VAL C 69 7.02 3.52 1.10
N ALA C 70 8.23 3.08 1.43
CA ALA C 70 9.29 2.93 0.44
C ALA C 70 9.44 1.46 0.07
N ILE C 71 9.09 1.14 -1.17
CA ILE C 71 9.15 -0.23 -1.65
C ILE C 71 10.43 -0.42 -2.42
N LEU C 72 11.28 -1.31 -1.90
CA LEU C 72 12.60 -1.57 -2.47
C LEU C 72 12.72 -3.01 -2.90
N ILE C 73 13.44 -3.25 -3.98
CA ILE C 73 13.91 -4.60 -4.23
C ILE C 73 14.88 -4.96 -3.11
N ALA C 74 14.74 -6.17 -2.57
CA ALA C 74 15.62 -6.62 -1.50
C ALA C 74 17.09 -6.52 -1.91
N GLY C 75 17.95 -6.23 -0.95
CA GLY C 75 19.37 -6.17 -1.27
C GLY C 75 20.05 -4.89 -0.81
N ARG C 76 19.28 -3.87 -0.45
CA ARG C 76 19.92 -2.69 0.09
C ARG C 76 20.47 -2.97 1.48
N THR C 77 21.61 -2.36 1.80
CA THR C 77 22.23 -2.59 3.09
C THR C 77 21.56 -1.81 4.20
N ASP C 78 21.85 -2.21 5.43
CA ASP C 78 21.31 -1.53 6.60
C ASP C 78 21.71 -0.06 6.60
N GLU C 79 22.94 0.23 6.18
CA GLU C 79 23.39 1.61 6.11
C GLU C 79 22.59 2.41 5.11
N GLN C 80 22.35 1.82 3.94
CA GLN C 80 21.54 2.47 2.91
C GLN C 80 20.14 2.77 3.42
N LYS C 81 19.55 1.81 4.13
CA LYS C 81 18.20 1.99 4.67
C LYS C 81 18.17 3.08 5.73
N ARG C 82 19.17 3.10 6.60
CA ARG C 82 19.33 4.17 7.57
C ARG C 82 19.40 5.53 6.88
N ALA C 83 20.20 5.61 5.82
CA ALA C 83 20.36 6.86 5.10
C ALA C 83 19.05 7.26 4.43
N LEU C 84 18.34 6.26 3.91
CA LEU C 84 17.07 6.53 3.25
C LEU C 84 16.02 7.09 4.21
N ILE C 85 15.90 6.50 5.39
CA ILE C 85 14.95 7.01 6.38
C ILE C 85 15.30 8.45 6.74
N ALA C 86 16.58 8.74 6.94
CA ALA C 86 16.96 10.10 7.30
C ALA C 86 16.66 11.08 6.18
N ALA C 87 17.05 10.73 4.96
CA ALA C 87 16.94 11.65 3.83
C ALA C 87 15.48 11.93 3.47
N LEU C 88 14.66 10.87 3.42
CA LEU C 88 13.26 11.08 3.07
C LEU C 88 12.55 11.88 4.15
N SER C 89 12.96 11.68 5.39
CA SER C 89 12.32 12.37 6.51
C SER C 89 12.70 13.84 6.57
N GLU C 90 13.99 14.14 6.47
CA GLU C 90 14.44 15.53 6.42
C GLU C 90 13.81 16.27 5.24
N THR C 91 13.75 15.60 4.10
CA THR C 91 13.16 16.22 2.91
C THR C 91 11.68 16.49 3.12
N SER C 92 10.95 15.51 3.62
CA SER C 92 9.54 15.72 3.96
C SER C 92 9.33 16.91 4.90
N ALA C 93 10.13 16.97 5.96
CA ALA C 93 9.99 18.04 6.95
C ALA C 93 10.30 19.41 6.36
N SER C 94 11.32 19.48 5.51
CA SER C 94 11.74 20.72 4.88
C SER C 94 10.72 21.21 3.85
N VAL C 95 10.29 20.32 2.97
CA VAL C 95 9.37 20.68 1.90
C VAL C 95 8.01 21.10 2.43
N LEU C 96 7.54 20.42 3.48
CA LEU C 96 6.20 20.66 3.99
C LEU C 96 6.14 21.53 5.25
N ASP C 97 7.24 22.20 5.58
CA ASP C 97 7.29 23.13 6.72
C ASP C 97 6.80 22.48 8.02
N ALA C 98 7.27 21.26 8.28
CA ALA C 98 6.64 20.41 9.28
C ALA C 98 7.66 19.79 10.24
N PRO C 99 7.21 19.35 11.43
CA PRO C 99 8.15 18.85 12.43
C PRO C 99 8.87 17.59 11.98
N LEU C 100 10.20 17.62 11.94
CA LEU C 100 10.99 16.45 11.59
C LEU C 100 10.64 15.28 12.49
N GLN C 101 10.36 15.60 13.75
CA GLN C 101 10.05 14.61 14.78
C GLN C 101 8.87 13.70 14.43
N ALA C 102 7.96 14.21 13.61
CA ALA C 102 6.74 13.48 13.28
C ALA C 102 6.76 12.80 11.92
N THR C 103 7.85 12.97 11.17
CA THR C 103 7.98 12.35 9.85
C THR C 103 8.04 10.82 9.94
N ARG C 104 7.44 10.14 8.96
CA ARG C 104 7.34 8.68 8.96
C ARG C 104 7.75 8.06 7.64
N VAL C 105 8.60 7.04 7.73
CA VAL C 105 9.02 6.24 6.59
C VAL C 105 8.94 4.78 6.97
N MET C 106 8.29 3.96 6.14
CA MET C 106 8.26 2.52 6.35
C MET C 106 8.83 1.83 5.12
N ILE C 107 9.90 1.07 5.31
CA ILE C 107 10.56 0.37 4.21
C ILE C 107 10.03 -1.04 4.06
N LYS C 108 9.60 -1.39 2.85
CA LYS C 108 9.16 -2.74 2.55
C LYS C 108 10.10 -3.31 1.51
N ASP C 109 10.84 -4.36 1.87
CA ASP C 109 11.70 -5.10 0.95
C ASP C 109 10.87 -6.12 0.19
N ILE C 110 11.07 -6.18 -1.12
CA ILE C 110 10.41 -7.18 -1.95
C ILE C 110 11.48 -8.11 -2.48
N PRO C 111 11.38 -9.43 -2.20
CA PRO C 111 12.35 -10.38 -2.74
C PRO C 111 12.48 -10.26 -4.26
N ASN C 112 13.65 -10.56 -4.81
CA ASN C 112 13.84 -10.37 -6.25
C ASN C 112 12.99 -11.33 -7.08
N THR C 113 12.53 -12.41 -6.45
CA THR C 113 11.56 -13.34 -7.05
C THR C 113 10.16 -12.76 -7.13
N ASP C 114 9.91 -11.72 -6.34
CA ASP C 114 8.56 -11.19 -6.12
C ASP C 114 8.36 -9.84 -6.78
N PHE C 115 9.37 -9.36 -7.49
CA PHE C 115 9.35 -8.02 -8.06
C PHE C 115 9.40 -8.09 -9.58
N GLY C 116 8.51 -7.37 -10.23
CA GLY C 116 8.42 -7.38 -11.68
C GLY C 116 8.78 -6.08 -12.34
N ILE C 117 9.61 -6.19 -13.38
CA ILE C 117 10.05 -5.05 -14.16
C ILE C 117 9.76 -5.32 -15.63
N GLY C 118 8.80 -4.60 -16.21
CA GLY C 118 8.40 -4.82 -17.58
C GLY C 118 8.01 -6.25 -17.90
N GLY C 119 7.43 -6.95 -16.92
CA GLY C 119 7.01 -8.33 -17.11
C GLY C 119 8.03 -9.40 -16.76
N GLN C 120 9.25 -8.98 -16.44
CA GLN C 120 10.30 -9.89 -16.02
C GLN C 120 10.57 -9.74 -14.53
N THR C 121 11.02 -10.81 -13.87
CA THR C 121 11.34 -10.70 -12.45
C THR C 121 12.70 -10.03 -12.28
N ALA C 122 12.86 -9.35 -11.15
CA ALA C 122 14.13 -8.74 -10.82
C ALA C 122 15.24 -9.78 -10.84
N ARG C 123 14.95 -10.96 -10.28
CA ARG C 123 15.97 -12.00 -10.23
C ARG C 123 16.39 -12.45 -11.64
N ALA C 124 15.42 -12.51 -12.56
CA ALA C 124 15.71 -12.90 -13.95
C ALA C 124 16.56 -11.85 -14.65
N LEU C 125 16.44 -10.61 -14.21
CA LEU C 125 17.34 -9.55 -14.65
C LEU C 125 18.58 -9.64 -13.76
N GLY C 126 19.46 -8.65 -13.83
CA GLY C 126 20.68 -8.72 -13.03
C GLY C 126 20.51 -8.35 -11.57
N ARG C 127 19.33 -8.58 -11.00
CA ARG C 127 19.01 -8.06 -9.67
C ARG C 127 18.50 -9.12 -8.69
#